data_4HGE
#
_entry.id   4HGE
#
_cell.length_a   111.898
_cell.length_b   111.898
_cell.length_c   70.572
_cell.angle_alpha   90.00
_cell.angle_beta   90.00
_cell.angle_gamma   90.00
#
_symmetry.space_group_name_H-M   'P 41'
#
loop_
_entity.id
_entity.type
_entity.pdbx_description
1 polymer 'Tyrosine-protein kinase JAK2'
2 non-polymer N-[1-(3-chlorophenyl)-3-methyl-1H-pyrazol-5-yl]pyrazolo[1,5-a]pyrimidine-3-carboxamide
3 water water
#
_entity_poly.entity_id   1
_entity_poly.type   'polypeptide(L)'
_entity_poly.pdbx_seq_one_letter_code
;SGAFEDRDPTQFEERHLKFLQQLGKGNFGSVEMCRYDPLQDNTGEVVAVKKLQHSTEEHLRDFEREIEILKSLQHDNIVK
YKGVCYSAGRRNLKLIMEYLPYGSLRDYLQKHKERIDHIKLLQYTSQICKGMEYLGTKRYIHRDLATRNILVENENRVKI
GDFGLTKVLPQDKE(PTR)(PTR)KVKEPGESPIFWYAPESLTESKFSVASDVWSFGVVLYELFTYIEKSKSPPAEFMRM
IGNDKQGQMIVFHLIELLKNNGRLPRPDGCPDEIYMIMTECWNNNVNQRPSFRDLALRVDQIRDNMAG
;
_entity_poly.pdbx_strand_id   A,B
#
loop_
_chem_comp.id
_chem_comp.type
_chem_comp.name
_chem_comp.formula
15V non-polymer N-[1-(3-chlorophenyl)-3-methyl-1H-pyrazol-5-yl]pyrazolo[1,5-a]pyrimidine-3-carboxamide 'C17 H13 Cl N6 O'
#
# COMPACT_ATOMS: atom_id res chain seq x y z
N GLN A 11 0.04 13.34 31.37
CA GLN A 11 -0.42 12.24 32.27
C GLN A 11 0.69 11.81 33.24
N PHE A 12 1.93 12.18 32.92
CA PHE A 12 3.09 11.85 33.75
C PHE A 12 3.66 13.16 34.28
N GLU A 13 3.90 13.21 35.59
CA GLU A 13 4.43 14.40 36.23
C GLU A 13 5.92 14.25 36.41
N GLU A 14 6.66 15.26 35.97
CA GLU A 14 8.11 15.34 36.08
C GLU A 14 8.65 14.87 37.43
N ARG A 15 8.02 15.34 38.51
CA ARG A 15 8.56 15.17 39.87
C ARG A 15 8.57 13.73 40.35
N HIS A 16 7.80 12.87 39.68
CA HIS A 16 7.72 11.45 40.06
C HIS A 16 8.55 10.58 39.15
N LEU A 17 9.24 11.18 38.18
CA LEU A 17 10.11 10.45 37.26
C LEU A 17 11.54 10.45 37.80
N LYS A 18 12.03 9.28 38.18
CA LYS A 18 13.36 9.13 38.77
C LYS A 18 14.34 8.57 37.76
N PHE A 19 15.43 9.32 37.51
CA PHE A 19 16.41 8.89 36.52
C PHE A 19 17.13 7.65 37.00
N LEU A 20 17.33 6.67 36.11
CA LEU A 20 18.11 5.47 36.45
C LEU A 20 19.38 5.35 35.64
N GLN A 21 19.29 5.53 34.34
CA GLN A 21 20.46 5.51 33.47
C GLN A 21 20.14 5.99 32.08
N GLN A 22 21.18 6.44 31.39
CA GLN A 22 21.15 6.75 29.99
C GLN A 22 21.16 5.42 29.23
N LEU A 23 20.32 5.29 28.20
CA LEU A 23 20.29 4.06 27.40
C LEU A 23 21.03 4.32 26.09
N GLY A 24 20.62 5.34 25.36
CA GLY A 24 21.31 5.67 24.13
C GLY A 24 20.96 7.03 23.56
N LYS A 25 21.73 7.44 22.56
CA LYS A 25 21.51 8.66 21.80
C LYS A 25 21.27 8.30 20.33
N GLY A 26 20.52 9.13 19.63
CA GLY A 26 20.19 8.88 18.24
C GLY A 26 19.59 10.09 17.57
N ASN A 27 20.21 10.48 16.45
CA ASN A 27 19.81 11.68 15.70
C ASN A 27 19.91 12.91 16.63
N PHE A 28 18.78 13.50 17.05
CA PHE A 28 18.78 14.63 17.99
C PHE A 28 18.06 14.30 19.28
N GLY A 29 17.83 13.01 19.51
CA GLY A 29 17.12 12.52 20.68
C GLY A 29 18.02 11.72 21.61
N SER A 30 17.52 11.57 22.83
CA SER A 30 18.20 10.81 23.88
C SER A 30 17.14 10.04 24.67
N VAL A 31 17.45 8.79 25.03
CA VAL A 31 16.52 7.93 25.73
C VAL A 31 17.14 7.53 27.05
N GLU A 32 16.34 7.57 28.11
CA GLU A 32 16.76 7.24 29.48
C GLU A 32 15.88 6.15 30.05
N MET A 33 16.44 5.36 30.95
CA MET A 33 15.67 4.49 31.80
C MET A 33 15.32 5.29 33.05
N CYS A 34 14.03 5.41 33.34
CA CYS A 34 13.55 6.01 34.57
C CYS A 34 12.53 5.15 35.26
N ARG A 35 12.34 5.37 36.55
CA ARG A 35 11.23 4.78 37.29
C ARG A 35 10.14 5.81 37.54
N TYR A 36 8.91 5.51 37.12
CA TYR A 36 7.80 6.41 37.38
C TYR A 36 7.13 5.97 38.67
N ASP A 37 7.25 6.78 39.72
CA ASP A 37 6.94 6.38 41.09
C ASP A 37 6.11 7.42 41.84
N PRO A 38 4.85 7.66 41.38
CA PRO A 38 4.04 8.72 41.97
C PRO A 38 3.62 8.50 43.44
N LEU A 39 3.76 7.29 43.95
CA LEU A 39 3.47 7.02 45.35
C LEU A 39 4.73 7.11 46.20
N GLN A 40 5.89 7.22 45.55
CA GLN A 40 7.18 7.42 46.22
C GLN A 40 7.51 6.30 47.22
N ASP A 41 6.96 5.11 46.96
CA ASP A 41 7.21 3.94 47.79
C ASP A 41 8.00 2.88 47.00
N ASN A 42 8.68 3.30 45.94
CA ASN A 42 9.43 2.40 45.06
C ASN A 42 8.59 1.18 44.61
N THR A 43 7.38 1.43 44.12
CA THR A 43 6.52 0.40 43.50
C THR A 43 6.15 0.78 42.06
N GLY A 44 6.65 1.89 41.58
CA GLY A 44 6.32 2.32 40.25
C GLY A 44 7.06 1.50 39.22
N GLU A 45 6.57 1.57 37.99
CA GLU A 45 7.16 0.85 36.90
C GLU A 45 8.33 1.60 36.25
N VAL A 46 9.29 0.83 35.79
CA VAL A 46 10.34 1.34 34.91
C VAL A 46 9.78 1.58 33.52
N VAL A 47 10.11 2.76 32.99
CA VAL A 47 9.66 3.21 31.67
C VAL A 47 10.87 3.78 30.94
N ALA A 48 10.73 3.95 29.63
CA ALA A 48 11.73 4.58 28.80
C ALA A 48 11.27 5.99 28.50
N VAL A 49 12.18 6.94 28.56
CA VAL A 49 11.84 8.35 28.35
C VAL A 49 12.73 8.93 27.27
N LYS A 50 12.14 9.51 26.24
CA LYS A 50 12.91 10.12 25.17
C LYS A 50 12.77 11.63 25.28
N LYS A 51 13.91 12.31 25.17
CA LYS A 51 13.97 13.78 25.18
C LYS A 51 14.87 14.32 24.07
N LEU A 52 14.75 15.60 23.77
CA LEU A 52 15.66 16.24 22.84
C LEU A 52 16.97 16.52 23.58
N GLN A 53 18.09 16.20 22.93
CA GLN A 53 19.44 16.53 23.43
C GLN A 53 19.59 18.04 23.59
N HIS A 54 19.08 18.77 22.60
CA HIS A 54 19.07 20.23 22.63
C HIS A 54 17.75 20.68 22.10
N SER A 55 16.96 21.38 22.90
CA SER A 55 15.66 21.85 22.42
C SER A 55 15.83 23.11 21.53
N THR A 56 15.20 23.07 20.36
CA THR A 56 15.00 24.24 19.49
C THR A 56 13.51 24.28 19.16
N GLU A 57 13.05 25.33 18.48
CA GLU A 57 11.66 25.38 18.04
C GLU A 57 11.44 24.38 16.89
N GLU A 58 12.41 24.29 15.99
CA GLU A 58 12.35 23.34 14.86
C GLU A 58 12.22 21.90 15.36
N HIS A 59 13.09 21.51 16.28
CA HIS A 59 13.19 20.13 16.74
C HIS A 59 12.01 19.74 17.59
N LEU A 60 11.43 20.71 18.29
CA LEU A 60 10.25 20.49 19.12
C LEU A 60 9.01 20.16 18.29
N ARG A 61 8.78 20.93 17.23
CA ARG A 61 7.68 20.65 16.29
C ARG A 61 7.83 19.26 15.62
N ASP A 62 9.06 18.89 15.25
CA ASP A 62 9.31 17.54 14.74
C ASP A 62 9.00 16.50 15.82
N PHE A 63 9.49 16.75 17.02
CA PHE A 63 9.25 15.84 18.16
C PHE A 63 7.76 15.67 18.44
N GLU A 64 6.99 16.76 18.39
CA GLU A 64 5.53 16.68 18.56
C GLU A 64 4.92 15.76 17.51
N ARG A 65 5.39 15.88 16.26
CA ARG A 65 4.88 15.02 15.19
C ARG A 65 5.31 13.57 15.39
N GLU A 66 6.55 13.37 15.78
CA GLU A 66 7.03 12.05 16.19
C GLU A 66 6.09 11.42 17.24
N ILE A 67 5.73 12.18 18.26
CA ILE A 67 4.89 11.67 19.36
C ILE A 67 3.51 11.27 18.84
N GLU A 68 2.94 12.09 17.96
CA GLU A 68 1.63 11.82 17.36
C GLU A 68 1.67 10.61 16.46
N ILE A 69 2.78 10.44 15.74
CA ILE A 69 3.00 9.23 14.94
C ILE A 69 2.97 7.97 15.82
N LEU A 70 3.74 7.97 16.91
CA LEU A 70 3.84 6.76 17.74
C LEU A 70 2.54 6.47 18.44
N LYS A 71 1.88 7.53 18.91
CA LYS A 71 0.58 7.42 19.56
C LYS A 71 -0.41 6.74 18.63
N SER A 72 -0.33 7.05 17.35
CA SER A 72 -1.20 6.46 16.34
C SER A 72 -0.91 4.98 15.99
N LEU A 73 0.20 4.41 16.48
CA LEU A 73 0.58 3.05 16.07
C LEU A 73 0.36 2.02 17.19
N GLN A 74 -0.34 0.94 16.87
CA GLN A 74 -0.62 -0.12 17.83
C GLN A 74 -0.37 -1.48 17.18
N HIS A 75 0.77 -2.06 17.51
CA HIS A 75 1.20 -3.32 16.90
C HIS A 75 2.14 -4.05 17.82
N ASP A 76 2.08 -5.37 17.80
CA ASP A 76 2.98 -6.19 18.58
C ASP A 76 4.46 -5.90 18.34
N ASN A 77 4.82 -5.41 17.16
CA ASN A 77 6.21 -5.17 16.82
C ASN A 77 6.50 -3.69 16.68
N ILE A 78 5.77 -2.89 17.44
CA ILE A 78 6.04 -1.48 17.58
C ILE A 78 6.03 -1.08 19.04
N VAL A 79 7.08 -0.37 19.48
CA VAL A 79 7.22 -0.02 20.90
C VAL A 79 5.96 0.74 21.33
N LYS A 80 5.45 0.46 22.53
CA LYS A 80 4.24 1.09 23.02
C LYS A 80 4.43 2.49 23.59
N TYR A 81 3.57 3.39 23.14
CA TYR A 81 3.39 4.71 23.70
C TYR A 81 2.71 4.59 25.05
N LYS A 82 3.22 5.28 26.06
CA LYS A 82 2.51 5.36 27.33
C LYS A 82 1.98 6.76 27.58
N GLY A 83 2.75 7.78 27.21
CA GLY A 83 2.29 9.16 27.40
C GLY A 83 3.37 10.20 27.20
N VAL A 84 3.11 11.41 27.71
CA VAL A 84 4.05 12.53 27.65
C VAL A 84 4.26 13.22 29.02
N CYS A 85 5.38 13.91 29.17
CA CYS A 85 5.66 14.64 30.38
C CYS A 85 6.13 16.04 30.00
N TYR A 86 5.44 17.07 30.53
CA TYR A 86 5.73 18.49 30.26
C TYR A 86 6.46 19.15 31.43
N SER A 87 7.63 19.71 31.18
CA SER A 87 8.40 20.45 32.19
C SER A 87 8.13 19.96 33.62
N ASN A 92 9.84 21.30 28.90
CA ASN A 92 10.55 20.56 27.86
C ASN A 92 9.95 19.16 27.71
N LEU A 93 9.38 18.92 26.54
CA LEU A 93 8.58 17.75 26.25
C LEU A 93 9.39 16.46 26.34
N LYS A 94 8.83 15.45 27.02
CA LYS A 94 9.43 14.09 27.10
C LYS A 94 8.39 13.05 26.67
N LEU A 95 8.85 12.06 25.89
CA LEU A 95 8.01 10.96 25.42
C LEU A 95 8.25 9.76 26.31
N ILE A 96 7.17 9.23 26.89
CA ILE A 96 7.22 8.10 27.78
C ILE A 96 6.77 6.85 27.03
N MET A 97 7.61 5.84 27.02
CA MET A 97 7.33 4.59 26.32
C MET A 97 7.53 3.44 27.26
N GLU A 98 7.04 2.27 26.89
CA GLU A 98 7.37 1.06 27.63
C GLU A 98 8.89 0.79 27.60
N TYR A 99 9.41 0.25 28.70
CA TYR A 99 10.81 -0.18 28.76
C TYR A 99 10.93 -1.65 28.33
N LEU A 100 11.69 -1.89 27.27
CA LEU A 100 11.96 -3.25 26.81
C LEU A 100 13.33 -3.70 27.35
N PRO A 101 13.33 -4.78 28.17
CA PRO A 101 14.48 -4.99 29.06
C PRO A 101 15.76 -5.51 28.40
N TYR A 102 15.65 -6.06 27.20
CA TYR A 102 16.83 -6.55 26.50
C TYR A 102 17.52 -5.49 25.63
N GLY A 103 17.03 -4.26 25.63
CA GLY A 103 17.74 -3.17 24.95
C GLY A 103 17.70 -3.24 23.43
N SER A 104 18.67 -2.62 22.76
CA SER A 104 18.59 -2.54 21.31
C SER A 104 19.06 -3.84 20.66
N LEU A 105 18.47 -4.19 19.54
CA LEU A 105 18.85 -5.39 18.82
C LEU A 105 20.32 -5.39 18.45
N ARG A 106 20.88 -4.23 18.10
CA ARG A 106 22.32 -4.13 17.78
CA ARG A 106 22.31 -4.12 17.77
C ARG A 106 23.18 -4.67 18.92
N ASP A 107 22.90 -4.23 20.14
CA ASP A 107 23.70 -4.63 21.31
C ASP A 107 23.43 -6.09 21.70
N TYR A 108 22.15 -6.45 21.75
CA TYR A 108 21.75 -7.81 22.09
C TYR A 108 22.40 -8.84 21.16
N LEU A 109 22.33 -8.60 19.84
CA LEU A 109 22.87 -9.58 18.91
C LEU A 109 24.38 -9.76 19.13
N GLN A 110 25.09 -8.65 19.30
CA GLN A 110 26.52 -8.63 19.51
C GLN A 110 26.91 -9.43 20.78
N LYS A 111 26.20 -9.21 21.88
CA LYS A 111 26.51 -9.88 23.16
C LYS A 111 26.14 -11.35 23.19
N HIS A 112 25.13 -11.76 22.44
CA HIS A 112 24.61 -13.13 22.52
C HIS A 112 24.81 -13.92 21.24
N LYS A 113 25.72 -13.46 20.38
CA LYS A 113 25.91 -14.06 19.04
C LYS A 113 25.98 -15.60 19.08
N GLU A 114 26.70 -16.16 20.04
CA GLU A 114 26.90 -17.62 20.13
C GLU A 114 25.62 -18.41 20.45
N ARG A 115 24.58 -17.69 20.85
CA ARG A 115 23.34 -18.26 21.36
C ARG A 115 22.17 -17.97 20.40
N ILE A 116 22.39 -17.16 19.37
CA ILE A 116 21.31 -16.78 18.46
C ILE A 116 21.53 -17.37 17.08
N ASP A 117 20.66 -18.28 16.67
CA ASP A 117 20.86 -18.98 15.42
C ASP A 117 20.10 -18.31 14.27
N HIS A 118 20.25 -18.85 13.08
CA HIS A 118 19.62 -18.32 11.87
C HIS A 118 18.13 -18.38 11.90
N ILE A 119 17.57 -19.43 12.49
CA ILE A 119 16.12 -19.56 12.62
C ILE A 119 15.63 -18.37 13.45
N LYS A 120 16.36 -18.02 14.50
CA LYS A 120 16.00 -16.90 15.33
C LYS A 120 16.16 -15.53 14.61
N LEU A 121 17.25 -15.33 13.88
CA LEU A 121 17.37 -14.10 13.08
C LEU A 121 16.20 -13.94 12.12
N LEU A 122 15.71 -15.05 11.55
CA LEU A 122 14.58 -15.00 10.62
C LEU A 122 13.24 -14.71 11.30
N GLN A 123 13.06 -15.21 12.52
CA GLN A 123 11.93 -14.75 13.35
C GLN A 123 12.00 -13.24 13.64
N TYR A 124 13.18 -12.72 13.96
CA TYR A 124 13.31 -11.25 14.13
C TYR A 124 13.00 -10.52 12.83
N THR A 125 13.50 -11.05 11.72
CA THR A 125 13.34 -10.43 10.40
C THR A 125 11.88 -10.33 9.99
N SER A 126 11.16 -11.41 10.26
CA SER A 126 9.74 -11.51 9.96
C SER A 126 8.94 -10.47 10.76
N GLN A 127 9.26 -10.33 12.04
CA GLN A 127 8.57 -9.38 12.91
C GLN A 127 8.84 -7.95 12.48
N ILE A 128 10.07 -7.66 12.06
CA ILE A 128 10.40 -6.36 11.52
C ILE A 128 9.57 -6.06 10.27
N CYS A 129 9.45 -7.03 9.35
CA CYS A 129 8.64 -6.84 8.15
C CYS A 129 7.20 -6.54 8.47
N LYS A 130 6.63 -7.23 9.45
CA LYS A 130 5.22 -7.03 9.79
C LYS A 130 4.99 -5.67 10.43
N GLY A 131 5.89 -5.25 11.32
CA GLY A 131 5.82 -3.89 11.87
C GLY A 131 5.94 -2.87 10.74
N MET A 132 6.83 -3.11 9.78
CA MET A 132 6.99 -2.20 8.65
C MET A 132 5.79 -2.18 7.71
N GLU A 133 5.16 -3.33 7.47
CA GLU A 133 3.94 -3.34 6.65
C GLU A 133 2.85 -2.54 7.31
N TYR A 134 2.72 -2.68 8.63
CA TYR A 134 1.74 -1.87 9.34
C TYR A 134 2.00 -0.38 9.13
N LEU A 135 3.28 0.04 9.19
CA LEU A 135 3.60 1.45 8.91
C LEU A 135 3.13 1.94 7.55
N GLY A 136 3.41 1.16 6.50
CA GLY A 136 3.02 1.52 5.13
C GLY A 136 1.50 1.63 4.94
N THR A 137 0.80 0.87 5.74
CA THR A 137 -0.65 0.90 5.86
C THR A 137 -1.15 2.28 6.32
N LYS A 138 -0.33 3.00 7.07
CA LYS A 138 -0.68 4.36 7.53
C LYS A 138 0.02 5.42 6.69
N ARG A 139 0.65 4.98 5.61
CA ARG A 139 1.44 5.85 4.75
C ARG A 139 2.58 6.53 5.50
N TYR A 140 3.12 5.81 6.49
CA TYR A 140 4.29 6.27 7.19
C TYR A 140 5.57 5.70 6.58
N ILE A 141 6.54 6.58 6.32
CA ILE A 141 7.89 6.20 5.88
C ILE A 141 8.85 6.35 7.05
N HIS A 142 9.51 5.26 7.41
CA HIS A 142 10.36 5.25 8.61
C HIS A 142 11.62 6.05 8.49
N ARG A 143 12.33 5.87 7.37
CA ARG A 143 13.52 6.64 6.97
C ARG A 143 14.79 6.38 7.75
N ASP A 144 14.78 5.43 8.66
CA ASP A 144 15.93 5.23 9.57
C ASP A 144 16.02 3.79 10.09
N LEU A 145 15.58 2.82 9.28
CA LEU A 145 15.60 1.43 9.68
C LEU A 145 17.04 0.96 9.81
N ALA A 146 17.39 0.40 10.97
CA ALA A 146 18.74 -0.04 11.30
C ALA A 146 18.61 -0.81 12.61
N THR A 147 19.46 -1.81 12.86
CA THR A 147 19.30 -2.60 14.10
C THR A 147 19.40 -1.80 15.40
N ARG A 148 20.06 -0.66 15.34
CA ARG A 148 20.20 0.22 16.51
C ARG A 148 18.85 0.83 16.89
N ASN A 149 17.91 0.80 15.95
CA ASN A 149 16.58 1.35 16.15
C ASN A 149 15.49 0.31 16.44
N ILE A 150 15.90 -0.96 16.55
CA ILE A 150 15.03 -2.07 16.89
C ILE A 150 15.33 -2.52 18.32
N LEU A 151 14.30 -2.86 19.07
CA LEU A 151 14.43 -3.23 20.48
C LEU A 151 13.99 -4.68 20.72
N VAL A 152 14.52 -5.27 21.78
CA VAL A 152 14.24 -6.63 22.15
C VAL A 152 13.34 -6.66 23.40
N GLU A 153 12.12 -7.16 23.26
CA GLU A 153 11.25 -7.31 24.43
C GLU A 153 11.60 -8.57 25.23
N ASN A 154 11.74 -9.67 24.52
CA ASN A 154 12.20 -10.91 25.09
C ASN A 154 12.91 -11.68 23.97
N GLU A 155 13.35 -12.88 24.30
CA GLU A 155 14.10 -13.78 23.40
C GLU A 155 13.39 -14.01 22.06
N ASN A 156 12.06 -14.00 22.07
CA ASN A 156 11.23 -14.32 20.90
C ASN A 156 10.49 -13.15 20.25
N ARG A 157 10.83 -11.92 20.61
CA ARG A 157 10.07 -10.79 20.11
C ARG A 157 10.86 -9.49 20.06
N VAL A 158 11.01 -8.92 18.85
CA VAL A 158 11.53 -7.55 18.68
C VAL A 158 10.43 -6.55 18.27
N LYS A 159 10.73 -5.26 18.46
CA LYS A 159 9.84 -4.17 18.12
C LYS A 159 10.63 -3.05 17.50
N ILE A 160 10.04 -2.39 16.52
CA ILE A 160 10.62 -1.15 15.99
C ILE A 160 10.48 -0.14 17.11
N GLY A 161 11.57 0.54 17.45
CA GLY A 161 11.65 1.23 18.72
C GLY A 161 11.89 2.70 18.70
N ASP A 162 12.03 3.28 17.52
CA ASP A 162 12.28 4.72 17.38
C ASP A 162 11.71 5.19 16.06
N PHE A 163 11.11 6.37 16.10
CA PHE A 163 10.42 6.94 14.95
C PHE A 163 10.82 8.41 14.72
N GLY A 164 12.08 8.72 15.08
CA GLY A 164 12.60 10.08 15.05
C GLY A 164 12.57 10.78 13.70
N LEU A 165 12.67 10.00 12.61
CA LEU A 165 12.81 10.54 11.25
C LEU A 165 11.60 10.21 10.37
N THR A 166 10.59 9.58 10.97
CA THR A 166 9.44 9.06 10.27
C THR A 166 8.57 10.21 9.73
N LYS A 167 8.19 10.11 8.46
CA LYS A 167 7.31 11.10 7.84
C LYS A 167 6.05 10.45 7.32
N VAL A 168 4.98 11.23 7.22
CA VAL A 168 3.76 10.82 6.55
C VAL A 168 3.83 11.24 5.07
N LEU A 169 3.52 10.34 4.15
CA LEU A 169 3.49 10.70 2.74
C LEU A 169 2.40 11.76 2.49
N PRO A 170 2.64 12.66 1.52
CA PRO A 170 1.51 13.51 1.16
C PRO A 170 0.44 12.66 0.49
N GLN A 171 -0.80 13.15 0.50
CA GLN A 171 -1.93 12.40 -0.06
C GLN A 171 -1.80 12.05 -1.53
N ASP A 172 -1.16 12.93 -2.30
CA ASP A 172 -1.09 12.79 -3.77
C ASP A 172 0.24 12.21 -4.30
N LYS A 173 1.14 11.78 -3.41
CA LYS A 173 2.45 11.24 -3.86
C LYS A 173 2.83 9.99 -3.08
N GLU A 174 3.65 9.15 -3.71
CA GLU A 174 4.20 7.94 -3.11
C GLU A 174 5.65 8.11 -2.64
N PTR A 175 6.10 9.36 -2.54
CA PTR A 175 7.45 9.64 -2.01
C PTR A 175 7.40 10.95 -1.28
O PTR A 175 6.48 11.72 -1.45
CB PTR A 175 8.51 9.64 -3.10
CG PTR A 175 8.35 10.78 -4.10
CD1 PTR A 175 7.74 10.53 -5.32
CD2 PTR A 175 8.83 12.05 -3.81
CE1 PTR A 175 7.59 11.56 -6.25
CE2 PTR A 175 8.68 13.08 -4.73
CZ PTR A 175 8.05 12.84 -5.95
OH PTR A 175 7.91 13.88 -6.85
P PTR A 175 8.47 13.83 -8.36
O1P PTR A 175 8.38 15.28 -8.80
O2P PTR A 175 7.53 12.89 -9.09
O3P PTR A 175 9.89 13.35 -8.27
N PTR A 176 8.39 11.19 -0.43
CA PTR A 176 8.43 12.39 0.39
C PTR A 176 9.84 12.89 0.27
O PTR A 176 10.80 12.12 0.46
CB PTR A 176 8.00 12.00 1.80
CG PTR A 176 8.00 13.19 2.71
CD1 PTR A 176 9.20 13.52 3.28
CD2 PTR A 176 6.86 13.96 2.98
CE1 PTR A 176 9.29 14.62 4.12
CE2 PTR A 176 6.94 15.07 3.83
CZ PTR A 176 8.19 15.39 4.39
OH PTR A 176 8.48 16.40 5.24
P PTR A 176 7.52 17.58 5.69
O1P PTR A 176 6.35 16.83 6.29
O2P PTR A 176 7.23 18.35 4.43
O3P PTR A 176 8.49 18.23 6.64
N LYS A 177 10.00 14.16 -0.07
CA LYS A 177 11.32 14.78 -0.25
C LYS A 177 11.74 15.57 0.99
N VAL A 178 12.90 15.23 1.55
CA VAL A 178 13.43 15.93 2.71
C VAL A 178 14.94 15.82 2.81
N LYS A 179 15.57 16.94 3.18
CA LYS A 179 17.02 17.04 3.41
C LYS A 179 17.22 17.72 4.75
N GLU A 180 17.48 16.94 5.79
CA GLU A 180 17.74 17.50 7.11
C GLU A 180 19.22 17.88 7.29
N PRO A 181 19.50 18.98 8.01
CA PRO A 181 20.89 19.23 8.36
C PRO A 181 21.35 18.23 9.41
N GLY A 182 22.67 17.97 9.44
CA GLY A 182 23.25 17.06 10.43
C GLY A 182 23.82 15.79 9.80
N GLU A 183 23.85 14.72 10.58
CA GLU A 183 24.44 13.46 10.12
C GLU A 183 23.33 12.55 9.61
N SER A 184 23.38 12.24 8.32
CA SER A 184 22.48 11.26 7.73
C SER A 184 23.16 9.87 7.69
N PRO A 185 22.41 8.80 7.98
CA PRO A 185 22.96 7.43 7.90
C PRO A 185 23.04 6.96 6.44
N ILE A 186 23.94 7.58 5.69
CA ILE A 186 24.03 7.40 4.26
C ILE A 186 24.29 5.93 3.87
N PHE A 187 24.87 5.14 4.77
CA PHE A 187 25.22 3.74 4.46
C PHE A 187 24.04 2.77 4.53
N TRP A 188 22.90 3.25 5.01
CA TRP A 188 21.61 2.59 4.94
C TRP A 188 20.67 3.14 3.88
N TYR A 189 21.07 4.20 3.17
CA TYR A 189 20.17 4.92 2.24
C TYR A 189 20.03 4.31 0.86
N ALA A 190 18.82 4.31 0.32
CA ALA A 190 18.64 3.96 -1.08
C ALA A 190 19.36 4.99 -1.96
N PRO A 191 19.75 4.59 -3.17
CA PRO A 191 20.39 5.54 -4.08
C PRO A 191 19.60 6.83 -4.30
N GLU A 192 18.30 6.70 -4.56
CA GLU A 192 17.47 7.87 -4.87
C GLU A 192 17.27 8.77 -3.64
N SER A 193 17.51 8.21 -2.45
CA SER A 193 17.52 9.01 -1.23
C SER A 193 18.81 9.84 -1.15
N LEU A 194 19.93 9.25 -1.58
CA LEU A 194 21.22 9.93 -1.63
C LEU A 194 21.27 11.02 -2.69
N THR A 195 20.78 10.73 -3.91
CA THR A 195 20.88 11.65 -5.05
C THR A 195 19.76 12.68 -5.11
N GLU A 196 18.56 12.29 -4.70
CA GLU A 196 17.39 13.14 -4.86
C GLU A 196 16.67 13.47 -3.56
N SER A 197 17.10 12.91 -2.43
CA SER A 197 16.40 13.08 -1.13
C SER A 197 14.95 12.55 -1.11
N LYS A 198 14.68 11.55 -1.94
CA LYS A 198 13.36 10.91 -1.99
C LYS A 198 13.30 9.72 -1.07
N PHE A 199 12.24 9.70 -0.25
CA PHE A 199 11.94 8.61 0.68
C PHE A 199 10.56 8.04 0.43
N SER A 200 10.47 6.71 0.44
CA SER A 200 9.26 5.98 0.08
C SER A 200 9.24 4.63 0.81
N VAL A 201 8.15 3.90 0.68
CA VAL A 201 8.12 2.55 1.16
C VAL A 201 9.31 1.78 0.55
N ALA A 202 9.57 2.00 -0.73
CA ALA A 202 10.66 1.30 -1.43
C ALA A 202 12.06 1.62 -0.89
N SER A 203 12.28 2.85 -0.42
CA SER A 203 13.58 3.18 0.19
C SER A 203 13.67 2.52 1.56
N ASP A 204 12.56 2.43 2.29
CA ASP A 204 12.51 1.64 3.52
C ASP A 204 12.85 0.16 3.25
N VAL A 205 12.37 -0.37 2.13
CA VAL A 205 12.71 -1.75 1.73
C VAL A 205 14.23 -1.88 1.47
N TRP A 206 14.83 -0.87 0.84
CA TRP A 206 16.28 -0.85 0.69
C TRP A 206 16.97 -0.94 2.02
N SER A 207 16.58 -0.08 2.96
CA SER A 207 17.20 -0.06 4.27
C SER A 207 16.92 -1.39 5.04
N PHE A 208 15.73 -1.94 4.89
CA PHE A 208 15.44 -3.26 5.47
C PHE A 208 16.49 -4.29 5.00
N GLY A 209 16.91 -4.20 3.76
CA GLY A 209 17.89 -5.15 3.25
C GLY A 209 19.20 -5.02 3.99
N VAL A 210 19.54 -3.78 4.36
CA VAL A 210 20.73 -3.51 5.14
C VAL A 210 20.56 -4.05 6.57
N VAL A 211 19.38 -3.89 7.15
CA VAL A 211 19.10 -4.46 8.47
C VAL A 211 19.33 -5.99 8.43
N LEU A 212 18.87 -6.61 7.35
CA LEU A 212 19.00 -8.05 7.19
C LEU A 212 20.47 -8.42 7.08
N TYR A 213 21.22 -7.66 6.29
CA TYR A 213 22.69 -7.79 6.26
C TYR A 213 23.30 -7.68 7.66
N GLU A 214 22.86 -6.69 8.44
CA GLU A 214 23.40 -6.47 9.79
C GLU A 214 23.23 -7.69 10.67
N LEU A 215 22.00 -8.16 10.71
CA LEU A 215 21.67 -9.35 11.47
C LEU A 215 22.61 -10.52 11.12
N PHE A 216 22.81 -10.80 9.83
CA PHE A 216 23.62 -11.99 9.47
C PHE A 216 25.12 -11.81 9.63
N THR A 217 25.59 -10.56 9.77
CA THR A 217 26.96 -10.27 10.20
C THR A 217 27.12 -10.44 11.74
N TYR A 218 26.02 -10.56 12.47
CA TYR A 218 26.03 -10.55 13.94
C TYR A 218 26.74 -9.32 14.53
N ILE A 219 26.69 -8.22 13.79
CA ILE A 219 27.29 -6.95 14.19
C ILE A 219 28.78 -7.08 14.42
N GLU A 220 29.48 -7.84 13.60
CA GLU A 220 30.93 -7.86 13.72
C GLU A 220 31.43 -6.49 13.23
N LYS A 221 32.21 -5.80 14.05
CA LYS A 221 32.54 -4.39 13.81
C LYS A 221 33.12 -4.10 12.42
N SER A 222 34.10 -4.92 12.01
CA SER A 222 34.76 -4.77 10.71
C SER A 222 33.84 -5.09 9.54
N LYS A 223 32.64 -5.60 9.82
CA LYS A 223 31.68 -5.96 8.79
C LYS A 223 30.49 -5.02 8.71
N SER A 224 30.51 -3.91 9.47
CA SER A 224 29.40 -2.97 9.44
C SER A 224 29.27 -2.35 8.04
N PRO A 225 28.07 -1.85 7.71
CA PRO A 225 27.95 -1.20 6.42
C PRO A 225 28.93 -0.03 6.19
N PRO A 226 29.13 0.85 7.20
CA PRO A 226 30.13 1.92 7.04
C PRO A 226 31.53 1.41 6.75
N ALA A 227 31.99 0.39 7.47
CA ALA A 227 33.33 -0.17 7.26
C ALA A 227 33.46 -0.85 5.90
N GLU A 228 32.45 -1.61 5.48
CA GLU A 228 32.48 -2.26 4.15
C GLU A 228 32.38 -1.28 2.97
N PHE A 229 31.51 -0.29 3.06
CA PHE A 229 31.40 0.70 1.99
C PHE A 229 32.66 1.60 1.95
N MET A 230 33.16 2.01 3.11
CA MET A 230 34.39 2.82 3.19
C MET A 230 35.61 2.03 2.66
N ARG A 231 35.64 0.73 2.89
CA ARG A 231 36.68 -0.12 2.28
C ARG A 231 36.52 -0.19 0.75
N MET A 232 35.28 -0.25 0.27
CA MET A 232 35.00 -0.32 -1.18
C MET A 232 35.25 1.02 -1.90
N ILE A 233 35.04 2.12 -1.21
CA ILE A 233 35.26 3.46 -1.73
C ILE A 233 36.74 3.89 -1.63
N GLY A 234 37.44 3.35 -0.63
CA GLY A 234 38.79 3.78 -0.27
C GLY A 234 38.69 4.62 0.98
N ASN A 235 39.47 4.30 2.01
CA ASN A 235 39.40 4.99 3.31
C ASN A 235 40.09 6.37 3.34
N ASP A 236 40.84 6.68 2.28
CA ASP A 236 41.46 8.00 2.10
C ASP A 236 40.45 9.13 1.88
N LYS A 237 39.19 8.80 1.62
CA LYS A 237 38.16 9.80 1.32
C LYS A 237 37.58 10.47 2.58
N GLN A 238 37.40 11.79 2.49
CA GLN A 238 36.82 12.59 3.58
C GLN A 238 35.56 13.32 3.14
N GLY A 239 34.64 13.51 4.10
CA GLY A 239 33.48 14.38 3.95
C GLY A 239 32.68 14.29 2.67
N GLN A 240 32.53 15.44 1.99
CA GLN A 240 31.70 15.58 0.78
C GLN A 240 31.94 14.55 -0.32
N MET A 241 33.16 14.04 -0.41
CA MET A 241 33.50 13.06 -1.43
C MET A 241 32.98 11.64 -1.14
N ILE A 242 32.67 11.35 0.13
CA ILE A 242 32.17 10.01 0.51
C ILE A 242 30.84 9.75 -0.20
N VAL A 243 29.84 10.60 0.05
CA VAL A 243 28.51 10.47 -0.56
C VAL A 243 28.57 10.36 -2.09
N PHE A 244 29.42 11.17 -2.74
CA PHE A 244 29.57 11.10 -4.18
C PHE A 244 30.13 9.74 -4.62
N HIS A 245 31.14 9.25 -3.93
CA HIS A 245 31.71 7.95 -4.30
C HIS A 245 30.77 6.81 -3.99
N LEU A 246 29.95 6.98 -2.94
CA LEU A 246 28.94 5.97 -2.56
C LEU A 246 27.88 5.85 -3.66
N ILE A 247 27.42 7.01 -4.14
CA ILE A 247 26.46 7.09 -5.23
C ILE A 247 26.98 6.37 -6.47
N GLU A 248 28.24 6.62 -6.84
CA GLU A 248 28.81 5.99 -8.02
C GLU A 248 28.95 4.48 -7.79
N LEU A 249 29.35 4.09 -6.58
CA LEU A 249 29.46 2.69 -6.27
C LEU A 249 28.13 1.95 -6.48
N LEU A 250 27.07 2.50 -5.89
CA LEU A 250 25.76 1.87 -5.98
C LEU A 250 25.23 1.84 -7.41
N LYS A 251 25.49 2.91 -8.17
CA LYS A 251 25.08 3.00 -9.58
C LYS A 251 25.76 1.91 -10.44
N ASN A 252 27.02 1.64 -10.11
CA ASN A 252 27.82 0.57 -10.76
C ASN A 252 27.53 -0.83 -10.19
N ASN A 253 26.48 -0.95 -9.37
CA ASN A 253 26.08 -2.21 -8.74
C ASN A 253 27.13 -2.77 -7.77
N GLY A 254 27.89 -1.88 -7.14
CA GLY A 254 28.61 -2.26 -5.92
C GLY A 254 27.61 -2.54 -4.79
N ARG A 255 27.84 -3.62 -4.06
CA ARG A 255 26.92 -4.08 -3.02
C ARG A 255 27.71 -4.63 -1.82
N LEU A 256 27.11 -4.56 -0.65
CA LEU A 256 27.64 -5.23 0.54
C LEU A 256 27.81 -6.73 0.23
N PRO A 257 28.90 -7.36 0.74
CA PRO A 257 29.10 -8.76 0.40
C PRO A 257 28.13 -9.67 1.16
N ARG A 258 28.06 -10.94 0.77
CA ARG A 258 27.31 -11.93 1.56
C ARG A 258 28.02 -12.12 2.93
N PRO A 259 27.31 -11.93 4.06
CA PRO A 259 27.95 -12.22 5.36
C PRO A 259 28.49 -13.65 5.52
N ASP A 260 29.52 -13.79 6.33
CA ASP A 260 29.99 -15.10 6.73
C ASP A 260 28.83 -15.94 7.23
N GLY A 261 28.63 -17.10 6.62
CA GLY A 261 27.59 -18.06 7.03
C GLY A 261 26.19 -17.85 6.46
N CYS A 262 25.98 -16.75 5.77
CA CYS A 262 24.67 -16.45 5.23
C CYS A 262 24.36 -17.35 4.04
N PRO A 263 23.18 -18.02 4.03
CA PRO A 263 22.79 -18.83 2.85
C PRO A 263 22.48 -17.96 1.65
N ASP A 264 22.64 -18.52 0.45
CA ASP A 264 22.43 -17.79 -0.80
C ASP A 264 21.04 -17.20 -0.86
N GLU A 265 20.06 -17.96 -0.39
CA GLU A 265 18.66 -17.55 -0.47
C GLU A 265 18.33 -16.37 0.43
N ILE A 266 19.09 -16.18 1.51
CA ILE A 266 18.89 -15.03 2.37
C ILE A 266 19.64 -13.84 1.75
N TYR A 267 20.84 -14.09 1.22
CA TYR A 267 21.55 -13.06 0.47
C TYR A 267 20.74 -12.54 -0.72
N MET A 268 20.02 -13.43 -1.42
CA MET A 268 19.23 -13.02 -2.56
C MET A 268 18.11 -12.05 -2.15
N ILE A 269 17.55 -12.23 -0.95
CA ILE A 269 16.55 -11.31 -0.41
C ILE A 269 17.16 -9.92 -0.26
N MET A 270 18.34 -9.84 0.33
CA MET A 270 19.05 -8.58 0.48
C MET A 270 19.25 -7.95 -0.87
N THR A 271 19.82 -8.70 -1.79
CA THR A 271 20.19 -8.13 -3.08
C THR A 271 18.97 -7.64 -3.86
N GLU A 272 17.85 -8.33 -3.69
CA GLU A 272 16.62 -7.92 -4.31
C GLU A 272 16.08 -6.63 -3.69
N CYS A 273 16.25 -6.47 -2.38
CA CYS A 273 15.92 -5.20 -1.71
C CYS A 273 16.79 -4.06 -2.22
N TRP A 274 18.04 -4.37 -2.54
CA TRP A 274 18.99 -3.40 -3.04
C TRP A 274 18.95 -3.29 -4.55
N ASN A 275 17.77 -3.07 -5.11
CA ASN A 275 17.65 -2.84 -6.54
C ASN A 275 17.67 -1.34 -6.80
N ASN A 276 18.51 -0.91 -7.73
CA ASN A 276 18.53 0.50 -8.13
C ASN A 276 17.19 0.98 -8.68
N ASN A 277 16.42 0.05 -9.25
CA ASN A 277 15.09 0.36 -9.79
C ASN A 277 14.08 0.33 -8.66
N VAL A 278 13.68 1.52 -8.21
CA VAL A 278 12.81 1.68 -7.07
C VAL A 278 11.58 0.77 -7.17
N ASN A 279 11.02 0.64 -8.38
CA ASN A 279 9.75 -0.09 -8.56
C ASN A 279 9.87 -1.62 -8.55
N GLN A 280 11.11 -2.13 -8.59
CA GLN A 280 11.35 -3.59 -8.67
C GLN A 280 11.73 -4.22 -7.33
N ARG A 281 11.91 -3.40 -6.31
CA ARG A 281 12.10 -3.88 -4.95
C ARG A 281 10.81 -4.57 -4.45
N PRO A 282 10.94 -5.65 -3.66
CA PRO A 282 9.75 -6.33 -3.16
C PRO A 282 8.98 -5.52 -2.10
N SER A 283 7.73 -5.90 -1.88
CA SER A 283 6.88 -5.28 -0.87
C SER A 283 7.17 -5.89 0.49
N PHE A 284 6.77 -5.22 1.57
CA PHE A 284 6.98 -5.79 2.88
C PHE A 284 6.12 -7.05 3.10
N ARG A 285 4.93 -7.12 2.51
CA ARG A 285 4.13 -8.35 2.61
C ARG A 285 4.82 -9.55 1.94
N ASP A 286 5.48 -9.33 0.80
CA ASP A 286 6.16 -10.43 0.09
C ASP A 286 7.43 -10.88 0.79
N LEU A 287 8.14 -9.92 1.37
CA LEU A 287 9.33 -10.23 2.16
C LEU A 287 8.98 -11.12 3.33
N ALA A 288 7.89 -10.79 4.04
CA ALA A 288 7.42 -11.62 5.16
C ALA A 288 7.11 -13.05 4.73
N LEU A 289 6.38 -13.19 3.62
CA LEU A 289 6.02 -14.49 3.08
C LEU A 289 7.25 -15.34 2.78
N ARG A 290 8.22 -14.74 2.09
CA ARG A 290 9.43 -15.44 1.70
C ARG A 290 10.25 -15.83 2.90
N VAL A 291 10.36 -14.92 3.88
CA VAL A 291 11.14 -15.22 5.07
C VAL A 291 10.46 -16.32 5.85
N ASP A 292 9.14 -16.22 6.04
CA ASP A 292 8.36 -17.24 6.73
C ASP A 292 8.41 -18.59 6.01
N GLN A 293 8.48 -18.60 4.69
CA GLN A 293 8.61 -19.85 3.98
C GLN A 293 9.98 -20.48 4.24
N ILE A 294 11.04 -19.67 4.23
CA ILE A 294 12.38 -20.17 4.57
C ILE A 294 12.46 -20.66 6.02
N ARG A 295 11.86 -19.96 6.98
CA ARG A 295 11.80 -20.43 8.37
C ARG A 295 11.15 -21.80 8.48
N ASP A 296 10.04 -21.98 7.75
CA ASP A 296 9.29 -23.24 7.74
C ASP A 296 10.11 -24.41 7.16
N ASN A 297 10.88 -24.14 6.11
CA ASN A 297 11.78 -25.15 5.51
C ASN A 297 12.98 -25.53 6.39
N MET A 298 13.20 -24.80 7.48
CA MET A 298 14.28 -25.09 8.42
C MET A 298 13.79 -25.87 9.65
N ALA A 299 12.47 -25.92 9.84
CA ALA A 299 11.84 -26.74 10.89
C ALA A 299 11.74 -28.24 10.55
N GLY A 300 11.94 -28.60 9.28
CA GLY A 300 11.81 -30.00 8.83
C GLY A 300 13.04 -30.58 8.15
N ARG B 7 9.07 -15.54 -32.03
CA ARG B 7 8.50 -14.15 -32.06
C ARG B 7 7.18 -14.10 -31.28
N ASP B 8 7.14 -13.23 -30.26
CA ASP B 8 5.92 -13.05 -29.44
C ASP B 8 5.88 -11.63 -28.84
N PRO B 9 5.16 -10.71 -29.51
CA PRO B 9 5.03 -9.35 -28.98
C PRO B 9 4.21 -9.24 -27.69
N THR B 10 3.60 -10.34 -27.23
CA THR B 10 2.91 -10.34 -25.93
C THR B 10 3.84 -10.75 -24.77
N GLN B 11 5.12 -11.03 -25.04
CA GLN B 11 6.08 -11.26 -23.98
C GLN B 11 6.96 -10.03 -23.86
N PHE B 12 6.85 -9.32 -22.72
CA PHE B 12 7.64 -8.15 -22.46
C PHE B 12 8.79 -8.47 -21.51
N GLU B 13 9.99 -7.99 -21.83
CA GLU B 13 11.20 -8.25 -21.05
C GLU B 13 11.37 -7.16 -20.01
N GLU B 14 11.61 -7.58 -18.78
CA GLU B 14 11.71 -6.67 -17.65
C GLU B 14 12.79 -5.60 -17.89
N ARG B 15 13.96 -6.01 -18.41
CA ARG B 15 15.07 -5.09 -18.60
C ARG B 15 14.70 -3.89 -19.45
N HIS B 16 13.77 -4.06 -20.41
CA HIS B 16 13.39 -2.98 -21.31
C HIS B 16 12.23 -2.14 -20.79
N LEU B 17 11.67 -2.49 -19.64
CA LEU B 17 10.50 -1.80 -19.10
C LEU B 17 10.97 -0.64 -18.21
N LYS B 18 10.99 0.58 -18.76
CA LYS B 18 11.46 1.73 -17.97
C LYS B 18 10.29 2.33 -17.20
N PHE B 19 10.47 2.43 -15.89
CA PHE B 19 9.45 2.94 -14.98
C PHE B 19 9.35 4.43 -15.13
N LEU B 20 8.14 4.94 -15.36
CA LEU B 20 7.91 6.39 -15.42
C LEU B 20 7.23 6.89 -14.16
N GLN B 21 6.15 6.26 -13.74
CA GLN B 21 5.51 6.60 -12.45
C GLN B 21 4.40 5.64 -12.08
N GLN B 22 3.99 5.68 -10.82
CA GLN B 22 2.86 4.91 -10.37
C GLN B 22 1.57 5.64 -10.75
N LEU B 23 0.57 4.87 -11.19
CA LEU B 23 -0.72 5.41 -11.61
C LEU B 23 -1.72 5.24 -10.47
N GLY B 24 -1.78 4.05 -9.91
CA GLY B 24 -2.65 3.80 -8.78
C GLY B 24 -2.42 2.43 -8.13
N LYS B 25 -3.03 2.27 -6.98
CA LYS B 25 -2.86 1.10 -6.14
C LYS B 25 -4.22 0.70 -5.59
N GLY B 26 -4.50 -0.60 -5.61
CA GLY B 26 -5.80 -1.15 -5.18
C GLY B 26 -5.59 -2.36 -4.28
N ASN B 27 -6.24 -2.30 -3.11
CA ASN B 27 -6.00 -3.18 -1.95
CA ASN B 27 -6.04 -3.26 -1.99
C ASN B 27 -4.72 -4.07 -1.96
N PHE B 28 -4.48 -4.91 -2.96
CA PHE B 28 -3.21 -5.68 -3.00
C PHE B 28 -2.51 -5.72 -4.35
N GLY B 29 -2.86 -4.76 -5.20
CA GLY B 29 -2.28 -4.68 -6.53
C GLY B 29 -1.92 -3.25 -6.84
N SER B 30 -1.09 -3.04 -7.86
CA SER B 30 -0.67 -1.70 -8.21
C SER B 30 -0.49 -1.63 -9.71
N VAL B 31 -0.73 -0.46 -10.28
CA VAL B 31 -0.56 -0.24 -11.72
C VAL B 31 0.46 0.87 -11.94
N GLU B 32 1.45 0.62 -12.80
CA GLU B 32 2.53 1.55 -13.09
C GLU B 32 2.50 1.99 -14.58
N MET B 33 2.92 3.22 -14.84
CA MET B 33 3.17 3.68 -16.20
C MET B 33 4.63 3.43 -16.52
N CYS B 34 4.87 2.66 -17.57
CA CYS B 34 6.23 2.37 -18.03
C CYS B 34 6.35 2.63 -19.53
N ARG B 35 7.60 2.71 -20.02
CA ARG B 35 7.90 2.75 -21.43
C ARG B 35 8.66 1.47 -21.78
N TYR B 36 8.15 0.73 -22.75
CA TYR B 36 8.85 -0.45 -23.21
C TYR B 36 9.83 0.03 -24.27
N ASP B 37 11.11 0.15 -23.90
CA ASP B 37 12.07 0.86 -24.74
C ASP B 37 13.33 0.04 -25.01
N PRO B 38 13.20 -1.03 -25.79
CA PRO B 38 14.37 -1.88 -26.02
C PRO B 38 15.49 -1.16 -26.77
N LEU B 39 15.14 -0.18 -27.60
CA LEU B 39 16.15 0.59 -28.34
C LEU B 39 16.81 1.67 -27.48
N GLN B 40 16.25 1.94 -26.30
CA GLN B 40 16.83 2.85 -25.31
C GLN B 40 16.99 4.28 -25.81
N ASP B 41 16.17 4.65 -26.79
CA ASP B 41 16.24 5.97 -27.40
C ASP B 41 14.91 6.71 -27.22
N ASN B 42 14.12 6.22 -26.26
CA ASN B 42 12.78 6.74 -25.92
C ASN B 42 11.72 6.76 -27.04
N THR B 43 11.92 5.95 -28.08
CA THR B 43 10.92 5.77 -29.14
C THR B 43 9.93 4.64 -28.80
N GLY B 44 10.17 3.89 -27.72
CA GLY B 44 9.29 2.81 -27.30
C GLY B 44 7.91 3.26 -26.81
N GLU B 45 6.91 2.38 -26.88
CA GLU B 45 5.55 2.77 -26.52
C GLU B 45 5.32 2.75 -25.01
N VAL B 46 4.48 3.66 -24.55
CA VAL B 46 4.08 3.72 -23.16
C VAL B 46 3.00 2.68 -22.93
N VAL B 47 3.13 1.94 -21.83
CA VAL B 47 2.17 0.89 -21.48
C VAL B 47 1.86 1.03 -20.00
N ALA B 48 0.75 0.42 -19.59
CA ALA B 48 0.39 0.27 -18.18
C ALA B 48 0.75 -1.15 -17.68
N VAL B 49 1.36 -1.21 -16.51
CA VAL B 49 1.86 -2.47 -15.94
C VAL B 49 1.21 -2.75 -14.58
N LYS B 50 0.47 -3.85 -14.46
CA LYS B 50 -0.19 -4.21 -13.19
C LYS B 50 0.61 -5.31 -12.51
N LYS B 51 0.86 -5.17 -11.22
CA LYS B 51 1.58 -6.17 -10.45
C LYS B 51 0.92 -6.38 -9.10
N LEU B 52 1.24 -7.51 -8.49
CA LEU B 52 0.80 -7.84 -7.15
C LEU B 52 1.77 -7.34 -6.09
N GLN B 53 1.21 -6.86 -5.00
CA GLN B 53 1.94 -6.46 -3.81
C GLN B 53 1.91 -7.55 -2.75
N HIS B 54 0.94 -8.46 -2.85
CA HIS B 54 0.82 -9.57 -1.89
C HIS B 54 0.68 -10.85 -2.65
N SER B 55 1.81 -11.51 -2.86
CA SER B 55 1.89 -12.60 -3.81
C SER B 55 1.72 -13.96 -3.15
N THR B 56 0.60 -14.16 -2.45
CA THR B 56 0.28 -15.50 -1.93
C THR B 56 -0.02 -16.42 -3.11
N GLU B 57 -0.01 -17.72 -2.85
CA GLU B 57 -0.30 -18.71 -3.88
C GLU B 57 -1.72 -18.54 -4.42
N GLU B 58 -2.65 -18.23 -3.54
CA GLU B 58 -4.01 -17.90 -3.90
C GLU B 58 -4.04 -16.70 -4.86
N HIS B 59 -3.41 -15.59 -4.46
CA HIS B 59 -3.42 -14.38 -5.28
C HIS B 59 -2.75 -14.55 -6.62
N LEU B 60 -1.69 -15.35 -6.66
CA LEU B 60 -0.98 -15.61 -7.91
C LEU B 60 -1.85 -16.43 -8.87
N ARG B 61 -2.52 -17.45 -8.33
CA ARG B 61 -3.51 -18.22 -9.09
C ARG B 61 -4.62 -17.32 -9.68
N ASP B 62 -5.18 -16.44 -8.86
CA ASP B 62 -6.22 -15.52 -9.35
C ASP B 62 -5.69 -14.56 -10.42
N PHE B 63 -4.45 -14.08 -10.23
CA PHE B 63 -3.84 -13.15 -11.17
C PHE B 63 -3.59 -13.77 -12.55
N GLU B 64 -3.13 -15.02 -12.58
CA GLU B 64 -3.02 -15.74 -13.85
C GLU B 64 -4.39 -15.85 -14.54
N ARG B 65 -5.44 -16.03 -13.76
CA ARG B 65 -6.80 -16.11 -14.31
C ARG B 65 -7.28 -14.74 -14.78
N GLU B 66 -7.01 -13.69 -14.01
CA GLU B 66 -7.29 -12.32 -14.45
C GLU B 66 -6.62 -12.02 -15.81
N ILE B 67 -5.36 -12.43 -15.97
CA ILE B 67 -4.66 -12.20 -17.23
C ILE B 67 -5.42 -12.90 -18.38
N GLU B 68 -5.83 -14.15 -18.15
CA GLU B 68 -6.55 -14.91 -19.18
C GLU B 68 -7.95 -14.30 -19.48
N ILE B 69 -8.63 -13.83 -18.44
CA ILE B 69 -9.87 -13.07 -18.63
C ILE B 69 -9.64 -11.90 -19.59
N LEU B 70 -8.67 -11.05 -19.27
CA LEU B 70 -8.49 -9.81 -20.04
C LEU B 70 -8.04 -10.09 -21.47
N LYS B 71 -7.09 -11.00 -21.62
CA LYS B 71 -6.70 -11.46 -22.93
C LYS B 71 -7.90 -11.90 -23.79
N SER B 72 -8.88 -12.57 -23.19
CA SER B 72 -10.04 -13.05 -23.93
C SER B 72 -11.05 -11.96 -24.33
N LEU B 73 -10.88 -10.73 -23.84
CA LEU B 73 -11.88 -9.66 -24.08
C LEU B 73 -11.36 -8.73 -25.16
N GLN B 74 -12.20 -8.50 -26.17
CA GLN B 74 -11.86 -7.62 -27.29
C GLN B 74 -13.05 -6.72 -27.56
N HIS B 75 -13.02 -5.51 -26.99
CA HIS B 75 -14.16 -4.59 -27.09
C HIS B 75 -13.69 -3.18 -26.96
N ASP B 76 -14.37 -2.29 -27.67
CA ASP B 76 -14.01 -0.86 -27.65
C ASP B 76 -13.96 -0.29 -26.26
N ASN B 77 -14.82 -0.81 -25.37
CA ASN B 77 -14.96 -0.24 -24.03
C ASN B 77 -14.38 -1.09 -22.92
N ILE B 78 -13.37 -1.88 -23.27
CA ILE B 78 -12.62 -2.70 -22.35
C ILE B 78 -11.13 -2.49 -22.61
N VAL B 79 -10.38 -2.09 -21.57
CA VAL B 79 -8.94 -1.82 -21.71
C VAL B 79 -8.22 -2.98 -22.42
N LYS B 80 -7.33 -2.65 -23.36
CA LYS B 80 -6.64 -3.67 -24.18
C LYS B 80 -5.52 -4.38 -23.47
N TYR B 81 -5.58 -5.70 -23.52
CA TYR B 81 -4.48 -6.57 -23.09
C TYR B 81 -3.33 -6.43 -24.07
N LYS B 82 -2.11 -6.23 -23.56
CA LYS B 82 -0.93 -6.26 -24.42
C LYS B 82 -0.03 -7.47 -24.17
N GLY B 83 0.13 -7.88 -22.92
CA GLY B 83 0.94 -9.08 -22.68
C GLY B 83 1.31 -9.28 -21.23
N VAL B 84 2.40 -10.01 -21.02
CA VAL B 84 2.88 -10.34 -19.68
C VAL B 84 4.38 -10.19 -19.60
N CYS B 85 4.85 -9.96 -18.38
CA CYS B 85 6.26 -9.90 -18.07
C CYS B 85 6.61 -10.86 -16.92
N TYR B 86 7.69 -11.64 -17.11
CA TYR B 86 8.17 -12.70 -16.18
C TYR B 86 9.62 -12.43 -15.78
N SER B 87 9.99 -12.72 -14.53
CA SER B 87 11.41 -12.66 -14.13
C SER B 87 12.23 -13.78 -14.79
N ASN B 92 7.79 -13.16 -10.70
CA ASN B 92 7.08 -11.93 -10.36
C ASN B 92 6.27 -11.40 -11.57
N LEU B 93 5.25 -12.18 -11.88
CA LEU B 93 4.35 -11.98 -13.00
C LEU B 93 3.69 -10.59 -13.05
N LYS B 94 3.76 -9.95 -14.21
CA LYS B 94 3.08 -8.67 -14.44
C LYS B 94 2.22 -8.71 -15.67
N LEU B 95 1.15 -7.92 -15.63
CA LEU B 95 0.18 -7.78 -16.72
C LEU B 95 0.42 -6.45 -17.43
N ILE B 96 0.67 -6.52 -18.73
CA ILE B 96 0.91 -5.35 -19.58
C ILE B 96 -0.39 -5.02 -20.35
N MET B 97 -0.83 -3.77 -20.23
CA MET B 97 -2.04 -3.27 -20.89
C MET B 97 -1.73 -1.98 -21.63
N GLU B 98 -2.63 -1.54 -22.51
CA GLU B 98 -2.48 -0.21 -23.14
C GLU B 98 -2.54 0.88 -22.10
N TYR B 99 -1.87 1.98 -22.37
CA TYR B 99 -1.87 3.15 -21.49
C TYR B 99 -2.94 4.13 -21.95
N LEU B 100 -3.89 4.44 -21.09
CA LEU B 100 -4.91 5.43 -21.37
C LEU B 100 -4.54 6.72 -20.59
N PRO B 101 -4.47 7.85 -21.29
CA PRO B 101 -3.76 8.97 -20.67
C PRO B 101 -4.60 9.87 -19.76
N TYR B 102 -5.93 9.73 -19.74
CA TYR B 102 -6.73 10.59 -18.86
C TYR B 102 -7.14 9.97 -17.53
N GLY B 103 -6.59 8.80 -17.22
CA GLY B 103 -6.71 8.26 -15.86
C GLY B 103 -8.10 7.72 -15.57
N SER B 104 -8.45 7.67 -14.30
CA SER B 104 -9.70 7.08 -13.87
C SER B 104 -10.85 8.03 -14.11
N LEU B 105 -12.02 7.49 -14.41
CA LEU B 105 -13.17 8.33 -14.64
C LEU B 105 -13.54 9.05 -13.35
N ARG B 106 -13.26 8.43 -12.21
CA ARG B 106 -13.52 9.06 -10.93
C ARG B 106 -12.76 10.39 -10.82
N ASP B 107 -11.49 10.41 -11.17
CA ASP B 107 -10.72 11.66 -11.10
C ASP B 107 -11.11 12.61 -12.20
N TYR B 108 -11.31 12.06 -13.38
CA TYR B 108 -11.57 12.85 -14.56
C TYR B 108 -12.88 13.64 -14.46
N LEU B 109 -13.92 12.99 -13.95
CA LEU B 109 -15.22 13.64 -13.80
C LEU B 109 -15.09 14.86 -12.89
N GLN B 110 -14.26 14.72 -11.86
CA GLN B 110 -14.06 15.76 -10.84
C GLN B 110 -13.33 16.96 -11.46
N LYS B 111 -12.31 16.68 -12.24
CA LYS B 111 -11.52 17.72 -12.87
C LYS B 111 -12.34 18.51 -13.89
N HIS B 112 -13.29 17.86 -14.55
CA HIS B 112 -13.97 18.43 -15.70
C HIS B 112 -15.46 18.67 -15.55
N LYS B 113 -15.94 18.64 -14.32
CA LYS B 113 -17.38 18.79 -14.05
C LYS B 113 -18.09 20.01 -14.72
N GLU B 114 -17.39 21.13 -14.88
CA GLU B 114 -18.01 22.32 -15.49
C GLU B 114 -18.27 22.11 -16.98
N ARG B 115 -17.57 21.13 -17.54
CA ARG B 115 -17.56 20.83 -18.95
C ARG B 115 -18.46 19.65 -19.36
N ILE B 116 -18.73 18.75 -18.42
CA ILE B 116 -19.43 17.49 -18.70
C ILE B 116 -20.88 17.61 -18.27
N ASP B 117 -21.77 17.73 -19.26
CA ASP B 117 -23.21 17.89 -18.99
C ASP B 117 -23.88 16.51 -18.93
N HIS B 118 -25.19 16.49 -18.70
CA HIS B 118 -25.90 15.22 -18.48
C HIS B 118 -25.83 14.31 -19.69
N ILE B 119 -25.89 14.87 -20.90
CA ILE B 119 -25.90 14.04 -22.09
C ILE B 119 -24.54 13.35 -22.28
N LYS B 120 -23.46 14.01 -21.84
CA LYS B 120 -22.12 13.45 -21.89
C LYS B 120 -22.00 12.26 -20.92
N LEU B 121 -22.49 12.49 -19.70
CA LEU B 121 -22.58 11.42 -18.68
C LEU B 121 -23.32 10.20 -19.24
N LEU B 122 -24.34 10.45 -20.06
CA LEU B 122 -25.12 9.33 -20.65
C LEU B 122 -24.35 8.64 -21.76
N GLN B 123 -23.51 9.39 -22.47
CA GLN B 123 -22.62 8.80 -23.46
C GLN B 123 -21.63 7.81 -22.79
N TYR B 124 -21.08 8.19 -21.64
CA TYR B 124 -20.21 7.29 -20.88
C TYR B 124 -21.00 6.08 -20.35
N THR B 125 -22.19 6.35 -19.83
CA THR B 125 -23.06 5.31 -19.28
C THR B 125 -23.34 4.23 -20.30
N SER B 126 -23.65 4.65 -21.52
CA SER B 126 -23.92 3.76 -22.63
C SER B 126 -22.74 2.84 -22.98
N GLN B 127 -21.56 3.42 -22.96
CA GLN B 127 -20.36 2.66 -23.21
C GLN B 127 -20.10 1.62 -22.11
N ILE B 128 -20.39 1.98 -20.88
CA ILE B 128 -20.14 1.08 -19.77
C ILE B 128 -21.12 -0.09 -19.93
N CYS B 129 -22.39 0.22 -20.17
CA CYS B 129 -23.39 -0.79 -20.43
C CYS B 129 -22.98 -1.74 -21.54
N LYS B 130 -22.43 -1.21 -22.62
CA LYS B 130 -22.04 -2.05 -23.76
C LYS B 130 -20.88 -2.96 -23.44
N GLY B 131 -19.90 -2.45 -22.68
CA GLY B 131 -18.81 -3.26 -22.18
C GLY B 131 -19.34 -4.36 -21.29
N MET B 132 -20.33 -4.05 -20.46
CA MET B 132 -20.89 -5.01 -19.51
C MET B 132 -21.76 -6.04 -20.24
N GLU B 133 -22.47 -5.59 -21.26
CA GLU B 133 -23.22 -6.51 -22.11
C GLU B 133 -22.28 -7.50 -22.78
N TYR B 134 -21.13 -7.02 -23.27
CA TYR B 134 -20.11 -7.92 -23.82
C TYR B 134 -19.52 -8.91 -22.78
N LEU B 135 -19.23 -8.45 -21.56
CA LEU B 135 -18.83 -9.39 -20.48
C LEU B 135 -19.86 -10.50 -20.25
N GLY B 136 -21.16 -10.15 -20.22
CA GLY B 136 -22.25 -11.13 -19.99
C GLY B 136 -22.21 -12.26 -21.00
N THR B 137 -21.90 -11.88 -22.23
CA THR B 137 -21.69 -12.76 -23.39
C THR B 137 -20.67 -13.88 -23.13
N LYS B 138 -19.63 -13.56 -22.37
CA LYS B 138 -18.56 -14.51 -22.06
C LYS B 138 -18.80 -15.22 -20.72
N ARG B 139 -19.89 -14.86 -20.04
CA ARG B 139 -20.29 -15.41 -18.75
C ARG B 139 -19.28 -15.03 -17.67
N TYR B 140 -18.82 -13.78 -17.75
CA TYR B 140 -17.94 -13.19 -16.76
C TYR B 140 -18.73 -12.25 -15.90
N ILE B 141 -18.47 -12.32 -14.58
CA ILE B 141 -19.09 -11.41 -13.62
C ILE B 141 -18.01 -10.49 -13.05
N HIS B 142 -18.20 -9.19 -13.17
CA HIS B 142 -17.11 -8.26 -12.87
C HIS B 142 -16.89 -8.12 -11.38
N ARG B 143 -17.99 -7.97 -10.63
CA ARG B 143 -18.05 -7.85 -9.17
C ARG B 143 -17.63 -6.50 -8.57
N ASP B 144 -16.99 -5.64 -9.35
CA ASP B 144 -16.26 -4.49 -8.81
C ASP B 144 -16.41 -3.22 -9.67
N LEU B 145 -17.59 -3.07 -10.28
CA LEU B 145 -17.91 -1.89 -11.06
C LEU B 145 -17.95 -0.66 -10.16
N ALA B 146 -17.20 0.36 -10.53
CA ALA B 146 -17.07 1.58 -9.76
C ALA B 146 -16.33 2.52 -10.67
N THR B 147 -16.53 3.82 -10.53
CA THR B 147 -15.86 4.79 -11.41
C THR B 147 -14.32 4.77 -11.30
N ARG B 148 -13.82 4.37 -10.14
CA ARG B 148 -12.36 4.24 -9.95
C ARG B 148 -11.79 3.13 -10.83
N ASN B 149 -12.66 2.24 -11.31
CA ASN B 149 -12.23 1.12 -12.11
C ASN B 149 -12.48 1.33 -13.61
N ILE B 150 -12.88 2.55 -13.98
CA ILE B 150 -13.22 2.88 -15.36
C ILE B 150 -12.20 3.91 -15.79
N LEU B 151 -11.71 3.81 -17.02
CA LEU B 151 -10.61 4.67 -17.43
C LEU B 151 -11.07 5.54 -18.58
N VAL B 152 -10.46 6.71 -18.74
CA VAL B 152 -10.82 7.65 -19.78
C VAL B 152 -9.75 7.65 -20.87
N GLU B 153 -10.12 7.20 -22.06
CA GLU B 153 -9.22 7.29 -23.21
C GLU B 153 -9.20 8.70 -23.81
N ASN B 154 -10.36 9.30 -23.99
CA ASN B 154 -10.50 10.71 -24.34
C ASN B 154 -11.88 11.16 -23.90
N GLU B 155 -12.15 12.44 -24.13
CA GLU B 155 -13.40 13.11 -23.83
C GLU B 155 -14.64 12.31 -24.25
N ASN B 156 -14.48 11.46 -25.26
CA ASN B 156 -15.59 10.76 -25.86
C ASN B 156 -15.61 9.25 -25.63
N ARG B 157 -14.62 8.72 -24.92
CA ARG B 157 -14.54 7.26 -24.75
C ARG B 157 -13.96 6.81 -23.40
N VAL B 158 -14.69 5.93 -22.73
CA VAL B 158 -14.24 5.33 -21.48
C VAL B 158 -14.10 3.82 -21.67
N LYS B 159 -13.34 3.17 -20.79
CA LYS B 159 -13.21 1.73 -20.87
C LYS B 159 -13.18 1.16 -19.48
N ILE B 160 -13.75 -0.03 -19.30
CA ILE B 160 -13.62 -0.77 -18.03
C ILE B 160 -12.15 -1.15 -17.96
N GLY B 161 -11.50 -0.82 -16.86
CA GLY B 161 -10.04 -0.87 -16.81
C GLY B 161 -9.36 -1.72 -15.75
N ASP B 162 -10.14 -2.45 -14.97
CA ASP B 162 -9.58 -3.42 -14.06
C ASP B 162 -10.48 -4.64 -13.97
N PHE B 163 -9.89 -5.81 -13.87
CA PHE B 163 -10.68 -7.04 -13.82
C PHE B 163 -10.21 -7.94 -12.70
N GLY B 164 -9.71 -7.32 -11.63
CA GLY B 164 -9.14 -8.05 -10.50
C GLY B 164 -10.05 -8.98 -9.72
N LEU B 165 -11.36 -8.77 -9.81
CA LEU B 165 -12.30 -9.57 -9.04
C LEU B 165 -13.21 -10.38 -9.95
N THR B 166 -12.98 -10.28 -11.25
CA THR B 166 -13.86 -10.88 -12.24
C THR B 166 -13.84 -12.40 -12.13
N LYS B 167 -15.03 -13.01 -12.14
CA LYS B 167 -15.16 -14.47 -12.07
C LYS B 167 -15.85 -15.01 -13.31
N VAL B 168 -15.51 -16.23 -13.69
CA VAL B 168 -16.22 -16.93 -14.75
C VAL B 168 -17.30 -17.78 -14.10
N LEU B 169 -18.54 -17.61 -14.52
CA LEU B 169 -19.65 -18.42 -13.97
C LEU B 169 -19.41 -19.91 -14.23
N PRO B 170 -19.79 -20.79 -13.28
CA PRO B 170 -19.74 -22.21 -13.65
C PRO B 170 -20.71 -22.51 -14.79
N GLN B 171 -20.44 -23.55 -15.55
CA GLN B 171 -21.31 -23.98 -16.66
C GLN B 171 -22.76 -24.25 -16.24
N ASP B 172 -22.94 -24.83 -15.04
CA ASP B 172 -24.27 -25.26 -14.58
C ASP B 172 -25.05 -24.21 -13.75
N LYS B 173 -24.51 -23.01 -13.54
CA LYS B 173 -25.15 -22.03 -12.65
C LYS B 173 -25.09 -20.59 -13.17
N GLU B 174 -26.01 -19.77 -12.70
CA GLU B 174 -26.06 -18.36 -13.07
C GLU B 174 -25.54 -17.46 -11.94
N PTR B 175 -24.83 -18.05 -10.97
CA PTR B 175 -24.18 -17.25 -9.94
C PTR B 175 -22.94 -17.94 -9.51
O PTR B 175 -22.71 -19.11 -9.82
CB PTR B 175 -25.11 -16.92 -8.75
CG PTR B 175 -25.62 -18.15 -8.03
CD1 PTR B 175 -26.87 -18.69 -8.31
CD2 PTR B 175 -24.83 -18.75 -7.04
CE1 PTR B 175 -27.33 -19.83 -7.62
CE2 PTR B 175 -25.29 -19.88 -6.36
CZ PTR B 175 -26.53 -20.41 -6.65
OH PTR B 175 -26.92 -21.54 -5.96
P PTR B 175 -28.11 -21.61 -4.89
O1P PTR B 175 -27.90 -22.99 -4.31
O2P PTR B 175 -29.38 -21.45 -5.70
O3P PTR B 175 -27.87 -20.47 -3.91
N PTR B 176 -22.11 -17.19 -8.78
CA PTR B 176 -20.91 -17.70 -8.14
C PTR B 176 -20.87 -17.23 -6.70
O PTR B 176 -21.00 -16.03 -6.45
CB PTR B 176 -19.74 -17.04 -8.87
CG PTR B 176 -18.46 -17.83 -8.75
CD1 PTR B 176 -17.71 -17.89 -7.58
CD2 PTR B 176 -18.01 -18.49 -9.89
CE1 PTR B 176 -16.52 -18.64 -7.54
CE2 PTR B 176 -16.85 -19.23 -9.86
CZ PTR B 176 -16.10 -19.30 -8.68
OH PTR B 176 -14.97 -20.06 -8.76
P PTR B 176 -13.68 -19.93 -7.83
O1P PTR B 176 -12.65 -20.53 -8.75
O2P PTR B 176 -14.06 -20.75 -6.62
O3P PTR B 176 -13.49 -18.46 -7.54
N LYS B 177 -20.69 -18.16 -5.76
CA LYS B 177 -20.46 -17.78 -4.37
C LYS B 177 -18.96 -17.63 -4.17
N VAL B 178 -18.54 -16.44 -3.75
CA VAL B 178 -17.13 -16.09 -3.69
C VAL B 178 -16.62 -16.04 -2.25
N LYS B 179 -15.46 -16.65 -2.00
CA LYS B 179 -14.69 -16.35 -0.79
C LYS B 179 -13.63 -15.30 -1.14
N GLU B 180 -13.77 -14.14 -0.49
CA GLU B 180 -13.09 -12.94 -0.92
C GLU B 180 -11.59 -13.06 -0.70
N PRO B 181 -10.78 -12.86 -1.77
CA PRO B 181 -9.31 -12.90 -1.68
C PRO B 181 -8.70 -11.66 -1.01
N GLY B 182 -9.40 -10.54 -1.08
CA GLY B 182 -8.96 -9.28 -0.47
C GLY B 182 -10.11 -8.50 0.14
N GLU B 183 -10.10 -7.19 -0.04
CA GLU B 183 -11.17 -6.33 0.47
C GLU B 183 -12.40 -6.33 -0.46
N SER B 184 -13.53 -5.95 0.13
CA SER B 184 -14.83 -5.94 -0.53
C SER B 184 -15.43 -4.54 -0.53
N PRO B 185 -15.85 -4.04 -1.71
CA PRO B 185 -16.48 -2.72 -1.83
C PRO B 185 -17.98 -2.79 -1.49
N ILE B 186 -18.27 -2.89 -0.20
CA ILE B 186 -19.59 -3.27 0.27
C ILE B 186 -20.70 -2.30 -0.12
N PHE B 187 -20.33 -1.03 -0.30
CA PHE B 187 -21.32 0.00 -0.62
C PHE B 187 -21.68 0.03 -2.11
N TRP B 188 -21.02 -0.81 -2.92
CA TRP B 188 -21.46 -1.09 -4.33
C TRP B 188 -22.15 -2.45 -4.48
N TYR B 189 -22.24 -3.22 -3.40
CA TYR B 189 -22.65 -4.61 -3.44
C TYR B 189 -24.16 -4.76 -3.35
N ALA B 190 -24.70 -5.67 -4.17
CA ALA B 190 -26.08 -6.09 -4.04
C ALA B 190 -26.33 -6.81 -2.71
N PRO B 191 -27.57 -6.78 -2.23
CA PRO B 191 -27.90 -7.40 -0.94
C PRO B 191 -27.52 -8.87 -0.85
N GLU B 192 -27.78 -9.63 -1.92
CA GLU B 192 -27.43 -11.06 -1.93
C GLU B 192 -25.93 -11.30 -1.95
N SER B 193 -25.16 -10.32 -2.43
CA SER B 193 -23.70 -10.39 -2.32
C SER B 193 -23.26 -10.21 -0.88
N LEU B 194 -23.93 -9.30 -0.18
CA LEU B 194 -23.63 -9.04 1.20
C LEU B 194 -24.05 -10.22 2.09
N THR B 195 -25.26 -10.71 1.92
CA THR B 195 -25.76 -11.78 2.82
C THR B 195 -25.21 -13.18 2.50
N GLU B 196 -25.00 -13.50 1.23
CA GLU B 196 -24.62 -14.87 0.83
C GLU B 196 -23.36 -14.95 -0.03
N SER B 197 -22.79 -13.80 -0.38
CA SER B 197 -21.61 -13.75 -1.23
C SER B 197 -21.95 -14.29 -2.62
N LYS B 198 -23.19 -14.08 -3.05
CA LYS B 198 -23.64 -14.51 -4.38
C LYS B 198 -23.45 -13.38 -5.38
N PHE B 199 -22.75 -13.68 -6.46
CA PHE B 199 -22.50 -12.72 -7.51
C PHE B 199 -22.95 -13.29 -8.87
N SER B 200 -23.52 -12.41 -9.68
CA SER B 200 -24.22 -12.78 -10.91
C SER B 200 -24.26 -11.56 -11.82
N VAL B 201 -24.85 -11.70 -13.00
CA VAL B 201 -25.04 -10.55 -13.88
C VAL B 201 -25.91 -9.49 -13.16
N ALA B 202 -26.90 -9.95 -12.42
CA ALA B 202 -27.86 -9.06 -11.77
C ALA B 202 -27.22 -8.30 -10.61
N SER B 203 -26.22 -8.88 -9.93
CA SER B 203 -25.44 -8.10 -8.97
C SER B 203 -24.53 -7.09 -9.69
N ASP B 204 -24.04 -7.41 -10.87
CA ASP B 204 -23.32 -6.37 -11.67
C ASP B 204 -24.26 -5.21 -12.03
N VAL B 205 -25.51 -5.52 -12.35
CA VAL B 205 -26.50 -4.47 -12.65
C VAL B 205 -26.75 -3.62 -11.43
N TRP B 206 -26.81 -4.22 -10.25
CA TRP B 206 -26.91 -3.40 -9.04
C TRP B 206 -25.72 -2.45 -8.93
N SER B 207 -24.51 -2.99 -9.05
CA SER B 207 -23.31 -2.14 -8.94
C SER B 207 -23.34 -1.05 -10.02
N PHE B 208 -23.78 -1.40 -11.23
CA PHE B 208 -23.92 -0.44 -12.31
C PHE B 208 -24.80 0.75 -11.89
N GLY B 209 -25.87 0.47 -11.17
CA GLY B 209 -26.73 1.53 -10.65
C GLY B 209 -25.95 2.46 -9.75
N VAL B 210 -25.05 1.91 -8.93
CA VAL B 210 -24.21 2.74 -8.05
C VAL B 210 -23.23 3.55 -8.91
N VAL B 211 -22.69 2.96 -9.99
CA VAL B 211 -21.81 3.71 -10.92
C VAL B 211 -22.58 4.86 -11.53
N LEU B 212 -23.80 4.60 -11.96
CA LEU B 212 -24.64 5.65 -12.55
C LEU B 212 -24.87 6.76 -11.53
N TYR B 213 -25.14 6.40 -10.28
CA TYR B 213 -25.24 7.39 -9.19
C TYR B 213 -23.95 8.20 -9.03
N GLU B 214 -22.81 7.53 -8.92
CA GLU B 214 -21.52 8.23 -8.83
C GLU B 214 -21.35 9.29 -9.93
N LEU B 215 -21.62 8.91 -11.18
CA LEU B 215 -21.47 9.86 -12.28
C LEU B 215 -22.33 11.10 -12.02
N PHE B 216 -23.58 10.91 -11.63
CA PHE B 216 -24.45 12.06 -11.49
C PHE B 216 -24.19 12.88 -10.21
N THR B 217 -23.35 12.38 -9.29
CA THR B 217 -22.91 13.18 -8.15
C THR B 217 -21.71 14.03 -8.52
N TYR B 218 -21.10 13.71 -9.66
CA TYR B 218 -19.83 14.31 -10.09
C TYR B 218 -18.68 14.05 -9.08
N ILE B 219 -18.81 12.99 -8.27
CA ILE B 219 -17.82 12.63 -7.25
C ILE B 219 -17.59 13.78 -6.27
N GLU B 220 -18.65 14.56 -6.01
CA GLU B 220 -18.64 15.53 -4.91
C GLU B 220 -18.31 14.74 -3.64
N LYS B 221 -17.25 15.12 -2.96
CA LYS B 221 -16.92 14.45 -1.72
C LYS B 221 -18.00 14.90 -0.77
N SER B 222 -18.61 13.94 -0.08
CA SER B 222 -19.78 14.16 0.77
C SER B 222 -20.94 13.32 0.24
N LYS B 223 -20.94 13.08 -1.06
CA LYS B 223 -22.04 12.42 -1.76
C LYS B 223 -21.69 11.00 -2.24
N SER B 224 -20.50 10.52 -1.87
CA SER B 224 -20.06 9.17 -2.27
C SER B 224 -20.95 8.11 -1.62
N PRO B 225 -21.05 6.93 -2.25
CA PRO B 225 -21.86 5.92 -1.60
C PRO B 225 -21.42 5.60 -0.15
N PRO B 226 -20.11 5.48 0.12
CA PRO B 226 -19.70 5.29 1.52
C PRO B 226 -20.18 6.39 2.47
N ALA B 227 -20.00 7.64 2.09
CA ALA B 227 -20.41 8.73 2.95
C ALA B 227 -21.93 8.74 3.11
N GLU B 228 -22.67 8.55 2.03
CA GLU B 228 -24.13 8.56 2.12
C GLU B 228 -24.70 7.38 2.92
N PHE B 229 -24.14 6.19 2.75
CA PHE B 229 -24.64 5.03 3.49
C PHE B 229 -24.21 5.11 4.97
N MET B 230 -23.01 5.61 5.24
CA MET B 230 -22.56 5.79 6.63
C MET B 230 -23.40 6.84 7.37
N ARG B 231 -23.90 7.85 6.67
CA ARG B 231 -24.78 8.80 7.35
C ARG B 231 -26.12 8.15 7.67
N MET B 232 -26.63 7.32 6.76
CA MET B 232 -27.94 6.68 6.95
C MET B 232 -27.91 5.67 8.08
N ILE B 233 -26.78 4.98 8.18
CA ILE B 233 -26.57 3.92 9.14
C ILE B 233 -26.19 4.53 10.51
N GLY B 234 -25.43 5.61 10.48
CA GLY B 234 -24.90 6.27 11.68
C GLY B 234 -23.39 6.12 11.67
N ASN B 235 -22.68 7.23 11.85
CA ASN B 235 -21.21 7.22 11.79
C ASN B 235 -20.52 6.61 13.03
N ASP B 236 -21.29 6.34 14.08
CA ASP B 236 -20.81 5.60 15.25
C ASP B 236 -20.51 4.11 15.00
N LYS B 237 -21.15 3.52 13.98
CA LYS B 237 -21.05 2.09 13.71
C LYS B 237 -19.69 1.69 13.11
N GLN B 238 -19.13 0.58 13.59
CA GLN B 238 -17.78 0.16 13.20
C GLN B 238 -17.67 -1.33 12.89
N GLY B 239 -16.59 -1.67 12.19
CA GLY B 239 -16.23 -3.05 11.94
C GLY B 239 -17.33 -3.83 11.26
N GLN B 240 -17.54 -5.07 11.71
CA GLN B 240 -18.49 -5.97 11.08
C GLN B 240 -19.94 -5.50 11.22
N MET B 241 -20.20 -4.60 12.18
CA MET B 241 -21.57 -4.09 12.39
C MET B 241 -22.13 -3.26 11.22
N ILE B 242 -21.25 -2.54 10.53
CA ILE B 242 -21.62 -1.73 9.36
C ILE B 242 -22.31 -2.58 8.29
N VAL B 243 -21.75 -3.75 8.00
CA VAL B 243 -22.35 -4.67 7.02
C VAL B 243 -23.74 -5.08 7.45
N PHE B 244 -23.90 -5.42 8.73
CA PHE B 244 -25.19 -5.88 9.22
C PHE B 244 -26.23 -4.78 9.21
N HIS B 245 -25.83 -3.57 9.56
CA HIS B 245 -26.76 -2.44 9.45
C HIS B 245 -27.08 -2.12 7.99
N LEU B 246 -26.11 -2.32 7.10
CA LEU B 246 -26.32 -2.06 5.68
C LEU B 246 -27.33 -3.04 5.11
N ILE B 247 -27.14 -4.32 5.44
CA ILE B 247 -28.07 -5.36 5.06
C ILE B 247 -29.48 -4.95 5.47
N GLU B 248 -29.65 -4.49 6.72
CA GLU B 248 -30.99 -4.13 7.21
C GLU B 248 -31.55 -2.95 6.47
N LEU B 249 -30.69 -1.97 6.20
CA LEU B 249 -31.09 -0.76 5.49
C LEU B 249 -31.62 -1.09 4.08
N LEU B 250 -30.89 -1.92 3.34
CA LEU B 250 -31.30 -2.26 1.96
C LEU B 250 -32.59 -3.11 1.96
N LYS B 251 -32.71 -4.00 2.93
CA LYS B 251 -33.92 -4.82 3.13
C LYS B 251 -35.17 -3.94 3.34
N ASN B 252 -35.03 -2.88 4.14
CA ASN B 252 -36.15 -1.95 4.39
C ASN B 252 -36.27 -0.88 3.32
N ASN B 253 -35.68 -1.15 2.15
CA ASN B 253 -35.71 -0.29 0.95
C ASN B 253 -35.09 1.11 1.12
N GLY B 254 -34.11 1.21 2.02
CA GLY B 254 -33.25 2.38 2.08
C GLY B 254 -32.35 2.35 0.85
N ARG B 255 -32.23 3.49 0.21
CA ARG B 255 -31.43 3.64 -1.00
C ARG B 255 -30.68 4.95 -0.98
N LEU B 256 -29.67 5.03 -1.84
CA LEU B 256 -28.98 6.28 -2.10
C LEU B 256 -29.98 7.31 -2.62
N PRO B 257 -29.83 8.59 -2.24
CA PRO B 257 -30.74 9.65 -2.66
C PRO B 257 -30.49 10.11 -4.10
N ARG B 258 -31.46 10.79 -4.68
CA ARG B 258 -31.31 11.35 -6.01
C ARG B 258 -30.24 12.42 -5.90
N PRO B 259 -29.14 12.28 -6.66
CA PRO B 259 -28.10 13.31 -6.63
C PRO B 259 -28.67 14.68 -6.98
N ASP B 260 -28.03 15.72 -6.48
CA ASP B 260 -28.35 17.10 -6.86
C ASP B 260 -28.33 17.30 -8.37
N GLY B 261 -29.46 17.72 -8.92
CA GLY B 261 -29.55 18.08 -10.32
C GLY B 261 -29.93 16.92 -11.22
N CYS B 262 -30.03 15.72 -10.66
CA CYS B 262 -30.28 14.54 -11.47
C CYS B 262 -31.72 14.52 -11.98
N PRO B 263 -31.91 14.40 -13.30
CA PRO B 263 -33.27 14.22 -13.80
C PRO B 263 -33.91 12.94 -13.25
N ASP B 264 -35.21 13.01 -13.03
CA ASP B 264 -35.98 11.93 -12.43
C ASP B 264 -35.93 10.64 -13.24
N GLU B 265 -35.96 10.75 -14.56
CA GLU B 265 -35.92 9.58 -15.43
C GLU B 265 -34.58 8.87 -15.29
N ILE B 266 -33.52 9.61 -14.97
CA ILE B 266 -32.23 8.97 -14.76
C ILE B 266 -32.16 8.36 -13.36
N TYR B 267 -32.68 9.05 -12.35
CA TYR B 267 -32.77 8.46 -11.01
C TYR B 267 -33.61 7.18 -11.04
N MET B 268 -34.66 7.15 -11.87
CA MET B 268 -35.49 5.93 -12.01
C MET B 268 -34.69 4.78 -12.58
N ILE B 269 -33.70 5.05 -13.43
CA ILE B 269 -32.84 3.95 -13.90
C ILE B 269 -32.04 3.36 -12.73
N MET B 270 -31.47 4.22 -11.88
CA MET B 270 -30.73 3.72 -10.70
C MET B 270 -31.60 2.87 -9.76
N THR B 271 -32.74 3.41 -9.36
CA THR B 271 -33.63 2.73 -8.41
C THR B 271 -34.13 1.41 -8.98
N GLU B 272 -34.34 1.35 -10.28
CA GLU B 272 -34.74 0.11 -10.94
C GLU B 272 -33.63 -0.92 -10.86
N CYS B 273 -32.37 -0.48 -11.01
CA CYS B 273 -31.20 -1.38 -10.83
C CYS B 273 -31.09 -1.91 -9.41
N TRP B 274 -31.52 -1.11 -8.45
CA TRP B 274 -31.40 -1.46 -7.03
C TRP B 274 -32.62 -2.18 -6.50
N ASN B 275 -33.16 -3.11 -7.26
CA ASN B 275 -34.25 -3.91 -6.79
C ASN B 275 -33.72 -5.08 -5.92
N ASN B 276 -34.39 -5.31 -4.80
CA ASN B 276 -34.09 -6.44 -3.94
C ASN B 276 -34.28 -7.77 -4.62
N ASN B 277 -35.28 -7.88 -5.49
CA ASN B 277 -35.45 -9.07 -6.27
C ASN B 277 -34.52 -9.08 -7.49
N VAL B 278 -33.57 -10.01 -7.51
CA VAL B 278 -32.61 -10.11 -8.62
C VAL B 278 -33.31 -10.16 -9.98
N ASN B 279 -34.46 -10.83 -10.03
CA ASN B 279 -35.19 -11.05 -11.28
C ASN B 279 -35.84 -9.79 -11.85
N GLN B 280 -36.01 -8.75 -11.05
CA GLN B 280 -36.56 -7.47 -11.54
C GLN B 280 -35.49 -6.40 -11.81
N ARG B 281 -34.23 -6.81 -11.85
CA ARG B 281 -33.20 -5.86 -12.28
C ARG B 281 -33.14 -5.93 -13.81
N PRO B 282 -33.07 -4.78 -14.47
CA PRO B 282 -32.97 -4.82 -15.92
C PRO B 282 -31.70 -5.53 -16.40
N SER B 283 -31.70 -5.94 -17.66
CA SER B 283 -30.52 -6.46 -18.33
C SER B 283 -29.65 -5.30 -18.83
N PHE B 284 -28.38 -5.57 -19.16
CA PHE B 284 -27.50 -4.50 -19.69
C PHE B 284 -27.93 -4.09 -21.11
N ARG B 285 -28.52 -5.03 -21.83
CA ARG B 285 -29.17 -4.77 -23.11
C ARG B 285 -30.28 -3.72 -22.93
N ASP B 286 -31.17 -3.95 -21.98
CA ASP B 286 -32.24 -3.00 -21.68
C ASP B 286 -31.67 -1.65 -21.26
N LEU B 287 -30.66 -1.67 -20.39
CA LEU B 287 -30.11 -0.42 -19.91
C LEU B 287 -29.55 0.41 -21.06
N ALA B 288 -28.80 -0.22 -21.95
CA ALA B 288 -28.20 0.49 -23.06
C ALA B 288 -29.27 1.09 -23.96
N LEU B 289 -30.29 0.31 -24.30
CA LEU B 289 -31.39 0.81 -25.14
C LEU B 289 -32.09 2.03 -24.48
N ARG B 290 -32.36 1.93 -23.19
CA ARG B 290 -33.08 2.99 -22.49
C ARG B 290 -32.21 4.25 -22.33
N VAL B 291 -30.91 4.07 -22.12
CA VAL B 291 -30.00 5.21 -22.05
C VAL B 291 -29.88 5.91 -23.39
N ASP B 292 -29.71 5.12 -24.46
CA ASP B 292 -29.70 5.63 -25.83
C ASP B 292 -31.03 6.33 -26.18
N GLN B 293 -32.16 5.79 -25.74
CA GLN B 293 -33.46 6.45 -25.95
C GLN B 293 -33.49 7.82 -25.28
N ILE B 294 -33.08 7.86 -24.03
CA ILE B 294 -33.04 9.14 -23.31
C ILE B 294 -32.07 10.11 -23.99
N ARG B 295 -30.89 9.66 -24.41
CA ARG B 295 -29.93 10.54 -25.13
C ARG B 295 -30.57 11.14 -26.37
N ASP B 296 -31.29 10.32 -27.13
CA ASP B 296 -31.98 10.77 -28.35
C ASP B 296 -33.06 11.80 -28.05
N ASN B 297 -33.83 11.57 -26.99
CA ASN B 297 -34.84 12.53 -26.52
C ASN B 297 -34.19 13.87 -26.15
N MET B 298 -33.06 13.81 -25.45
CA MET B 298 -32.39 15.02 -24.96
C MET B 298 -31.84 15.89 -26.10
N ALA B 299 -31.31 15.23 -27.14
CA ALA B 299 -30.76 15.88 -28.33
C ALA B 299 -31.81 16.24 -29.38
N GLY B 300 -33.06 15.83 -29.16
CA GLY B 300 -34.13 15.98 -30.15
C GLY B 300 -34.79 17.35 -30.09
C4 15V C . 12.12 2.01 24.70
C14 15V C . 16.02 3.83 20.46
C5 15V C . 15.33 0.89 25.26
C6 15V C . 14.62 0.04 26.11
C11 15V C . 18.00 3.54 21.86
C7 15V C . 16.78 0.93 24.93
C8 15V C . 20.67 1.81 23.12
C9 15V C . 19.67 1.29 23.94
C10 15V C . 18.51 1.95 23.55
C12 15V C . 22.10 1.32 23.27
C13 15V C . 16.88 3.04 21.23
N1 15V C . 14.60 2.70 23.67
N2 15V C . 13.24 1.39 25.09
C3 15V C . 14.42 1.73 24.61
N3 15V C . 13.31 0.37 26.04
CL1 15V C . 17.77 7.49 20.72
C16 15V C . 17.42 5.73 20.93
C15 15V C . 16.29 5.19 20.34
C17 15V C . 18.27 4.91 21.68
N5 15V C . 18.81 2.75 22.55
N4 15V C . 20.16 2.70 22.25
N6 15V C . 17.23 1.81 24.01
O1 15V C . 17.45 0.08 25.50
C2 15V C . 13.51 3.36 23.24
C1 15V C . 12.24 3.03 23.75
C4 15V D . -4.40 0.91 -18.00
C14 15V D . -7.07 0.42 -12.43
C5 15V D . -4.34 3.84 -16.21
C6 15V D . -3.94 4.27 -17.46
C11 15V D . -6.01 2.43 -11.54
C7 15V D . -4.58 4.60 -14.93
C8 15V D . -5.66 5.77 -10.87
C9 15V D . -5.22 5.80 -12.22
C10 15V D . -5.30 4.48 -12.60
C12 15V D . -5.70 7.09 -10.15
C13 15V D . -6.83 1.80 -12.47
N1 15V D . -5.00 1.57 -15.39
N2 15V D . -4.27 2.16 -17.54
C3 15V D . -4.56 2.47 -16.29
N3 15V D . -3.88 3.23 -18.31
CL1 15V D . -4.91 -0.80 -9.20
C16 15V D . -5.67 0.23 -10.48
C15 15V D . -6.49 -0.36 -11.43
C17 15V D . -5.44 1.60 -10.54
N5 15V D . -5.78 3.76 -11.58
N4 15V D . -6.00 4.55 -10.45
N6 15V D . -4.99 3.96 -13.84
O1 15V D . -4.44 5.82 -14.97
C2 15V D . -5.13 0.28 -15.80
C1 15V D . -4.82 -0.07 -17.11
#